data_7OEG
#
_entry.id   7OEG
#
_cell.length_a   63.740
_cell.length_b   63.740
_cell.length_c   224.820
_cell.angle_alpha   90.000
_cell.angle_beta   90.000
_cell.angle_gamma   120.000
#
_symmetry.space_group_name_H-M   'P 32 2 1'
#
loop_
_entity.id
_entity.type
_entity.pdbx_description
1 polymer 'N6-adenosine-methyltransferase catalytic subunit'
2 polymer 'N6-adenosine-methyltransferase non-catalytic subunit'
3 non-polymer (R)-4-((2-azaspiro[3.3]heptan-2-yl)methyl)-N-((1-(6-(benzylamino)pyrimidin-4-yl)-3-hydroxypiperidin-3-yl)methyl)benzamide
4 non-polymer 'ACETATE ION'
5 water water
#
loop_
_entity_poly.entity_id
_entity_poly.type
_entity_poly.pdbx_seq_one_letter_code
_entity_poly.pdbx_strand_id
1 'polypeptide(L)'
;MGHHHHHHSSGRENLYFQGALTQSVGGDSSADRLFPPQWICCDIRYLDVSILGKFAVVMADPPWDIHMELPYGTLTDDEM
RRLNIPVLQDDGFLFLWVTGRAMELGRECLNLWGYERVDEIIWVKTNQLQRIIRTGRTGHWLNHGKEHCLVGVKGNPQGF
NQGLDCDVIVAEVRSTSHKPDEIYGMIERLSPGTRKIELFGRPHNVQPNWITLGNQLDGIHLLDPDVVARFKQRYPDGII
SKPKNL
;
A
2 'polypeptide(L)'
;MLKGTQSLNPHNDYCQHFVDTGHRPQNFIRDVGLADRFEEYPKLRELIRLKDELIAKSNTPPMYLQADIEAFDIRELTPK
FDVILLEPPLEEYYRETGITANEKCWTWDDIMKLEIDEIAAPRSFIFLWCGSGEGLDLGRVCLRKWGYRRCEDICWIKTN
KNNPGKTKTLDPKAVFQRTKEHCLMGIKGTVKRSTDGDFIHANVDIDLIITEEPEIGNIEKPVEIFHIIEHFCLGRRRLH
LFGRDSTIRPGWLTVGPTLTNSNYNAETYASYFSAPNSYLTGCTEEIERL
;
B
#
loop_
_chem_comp.id
_chem_comp.type
_chem_comp.name
_chem_comp.formula
ACT non-polymer 'ACETATE ION' 'C2 H3 O2 -1'
UEE non-polymer (R)-4-((2-azaspiro[3.3]heptan-2-yl)methyl)-N-((1-(6-(benzylamino)pyrimidin-4-yl)-3-hydroxypiperidin-3-yl)methyl)benzamide 'C31 H38 N6 O2'
#
# COMPACT_ATOMS: atom_id res chain seq x y z
N LEU A 34 -21.09 -22.65 -17.05
CA LEU A 34 -21.59 -23.53 -15.99
C LEU A 34 -21.34 -22.98 -14.57
N PHE A 35 -22.31 -22.22 -14.02
CA PHE A 35 -22.29 -21.52 -12.73
C PHE A 35 -21.58 -22.18 -11.53
N PRO A 36 -21.66 -23.50 -11.31
CA PRO A 36 -21.11 -24.06 -10.02
C PRO A 36 -19.58 -24.10 -10.01
N PRO A 37 -18.98 -24.45 -8.86
CA PRO A 37 -17.52 -24.51 -8.79
C PRO A 37 -16.90 -25.48 -9.78
N GLN A 38 -15.72 -25.11 -10.26
CA GLN A 38 -14.89 -25.94 -11.10
C GLN A 38 -13.46 -25.68 -10.68
N TRP A 39 -12.62 -26.70 -10.78
CA TRP A 39 -11.24 -26.52 -10.38
C TRP A 39 -10.36 -27.50 -11.15
N ILE A 40 -9.06 -27.22 -11.10
CA ILE A 40 -8.01 -27.97 -11.78
C ILE A 40 -6.85 -28.06 -10.79
N CYS A 41 -6.61 -29.24 -10.23
CA CYS A 41 -5.32 -29.46 -9.60
C CYS A 41 -4.24 -29.44 -10.69
N CYS A 42 -3.12 -28.78 -10.40
CA CYS A 42 -2.03 -28.64 -11.35
C CYS A 42 -0.96 -27.70 -10.84
N ASP A 43 -0.07 -27.32 -11.74
CA ASP A 43 1.02 -26.38 -11.49
C ASP A 43 0.83 -25.27 -12.51
N ILE A 44 0.48 -24.08 -12.04
CA ILE A 44 0.12 -23.03 -12.98
C ILE A 44 1.30 -22.67 -13.90
N ARG A 45 2.50 -23.18 -13.59
CA ARG A 45 3.65 -23.04 -14.49
C ARG A 45 3.47 -23.89 -15.75
N TYR A 46 2.97 -25.11 -15.61
CA TYR A 46 2.95 -26.07 -16.69
C TYR A 46 1.57 -26.23 -17.34
N LEU A 47 0.52 -25.69 -16.72
CA LEU A 47 -0.80 -25.81 -17.30
C LEU A 47 -0.99 -24.79 -18.42
N ASP A 48 -1.56 -25.26 -19.53
CA ASP A 48 -1.82 -24.47 -20.74
C ASP A 48 -3.13 -23.72 -20.51
N VAL A 49 -3.05 -22.55 -19.88
CA VAL A 49 -4.25 -21.80 -19.50
C VAL A 49 -5.04 -21.26 -20.69
N SER A 50 -4.51 -21.39 -21.90
CA SER A 50 -5.23 -20.99 -23.10
C SER A 50 -6.51 -21.81 -23.32
N ILE A 51 -6.60 -23.00 -22.72
CA ILE A 51 -7.79 -23.82 -22.89
C ILE A 51 -8.99 -23.29 -22.10
N LEU A 52 -8.77 -22.38 -21.16
CA LEU A 52 -9.80 -21.99 -20.23
C LEU A 52 -10.62 -20.78 -20.71
N GLY A 53 -10.26 -20.17 -21.85
CA GLY A 53 -11.04 -19.03 -22.31
C GLY A 53 -10.73 -17.73 -21.57
N LYS A 54 -11.67 -16.78 -21.65
CA LYS A 54 -11.45 -15.41 -21.21
C LYS A 54 -12.29 -15.09 -19.99
N PHE A 55 -11.76 -14.23 -19.12
CA PHE A 55 -12.36 -14.01 -17.81
C PHE A 55 -12.60 -12.53 -17.52
N ALA A 56 -13.70 -12.25 -16.83
CA ALA A 56 -13.98 -10.88 -16.43
C ALA A 56 -13.11 -10.44 -15.27
N VAL A 57 -12.73 -11.37 -14.39
CA VAL A 57 -11.90 -11.08 -13.23
C VAL A 57 -10.87 -12.19 -13.10
N VAL A 58 -9.60 -11.82 -12.94
CA VAL A 58 -8.56 -12.74 -12.51
C VAL A 58 -8.17 -12.40 -11.07
N MET A 59 -8.00 -13.42 -10.25
CA MET A 59 -7.42 -13.26 -8.93
C MET A 59 -6.28 -14.25 -8.75
N ALA A 60 -5.20 -13.77 -8.17
CA ALA A 60 -4.00 -14.58 -8.02
C ALA A 60 -3.37 -14.28 -6.66
N ASP A 61 -2.94 -15.33 -5.99
CA ASP A 61 -2.33 -15.24 -4.67
C ASP A 61 -1.01 -15.99 -4.75
N PRO A 62 -0.05 -15.45 -5.50
CA PRO A 62 1.14 -16.21 -5.86
C PRO A 62 2.09 -16.35 -4.68
N PRO A 63 2.88 -17.44 -4.65
CA PRO A 63 3.97 -17.67 -3.68
C PRO A 63 5.27 -16.98 -4.06
N TRP A 64 5.30 -15.66 -3.84
CA TRP A 64 6.49 -14.91 -4.19
C TRP A 64 7.66 -15.34 -3.31
N ASP A 65 8.83 -15.46 -3.95
CA ASP A 65 10.10 -15.51 -3.25
C ASP A 65 10.31 -14.21 -2.49
N ILE A 66 9.89 -14.14 -1.23
CA ILE A 66 10.08 -12.86 -0.55
C ILE A 66 11.30 -12.97 0.33
N HIS A 67 12.41 -13.44 -0.26
CA HIS A 67 13.75 -13.49 0.33
C HIS A 67 13.74 -13.91 1.80
N MET A 68 12.72 -14.67 2.21
CA MET A 68 12.58 -15.21 3.56
C MET A 68 12.53 -16.74 3.48
N GLU A 69 12.36 -17.36 4.65
CA GLU A 69 12.31 -18.82 4.71
C GLU A 69 10.98 -19.33 4.17
N LEU A 70 11.04 -20.45 3.44
CA LEU A 70 9.91 -20.92 2.65
C LEU A 70 9.16 -22.05 3.36
N PRO A 71 7.92 -21.83 3.82
CA PRO A 71 7.05 -22.95 4.21
C PRO A 71 6.22 -23.53 3.07
N TYR A 72 6.53 -23.13 1.83
CA TYR A 72 5.90 -23.66 0.62
C TYR A 72 6.88 -23.42 -0.52
N GLY A 73 6.64 -24.11 -1.63
CA GLY A 73 7.44 -23.89 -2.82
C GLY A 73 7.14 -22.51 -3.42
N THR A 74 8.15 -21.65 -3.52
CA THR A 74 7.97 -20.36 -4.16
C THR A 74 8.19 -20.48 -5.66
N LEU A 75 7.73 -19.47 -6.38
CA LEU A 75 8.10 -19.26 -7.75
C LEU A 75 9.18 -18.20 -7.78
N THR A 76 10.04 -18.29 -8.78
CA THR A 76 11.09 -17.33 -8.96
C THR A 76 10.53 -16.11 -9.68
N ASP A 77 11.29 -15.01 -9.65
CA ASP A 77 10.80 -13.76 -10.25
C ASP A 77 10.51 -13.94 -11.72
N ASP A 78 11.34 -14.70 -12.44
CA ASP A 78 11.12 -14.91 -13.87
C ASP A 78 9.92 -15.81 -14.11
N GLU A 79 9.79 -16.87 -13.31
CA GLU A 79 8.60 -17.70 -13.36
C GLU A 79 7.38 -16.84 -13.16
N MET A 80 7.45 -15.89 -12.21
CA MET A 80 6.38 -14.90 -12.03
C MET A 80 6.13 -14.11 -13.31
N ARG A 81 7.16 -13.46 -13.84
CA ARG A 81 7.05 -12.71 -15.09
C ARG A 81 6.50 -13.57 -16.21
N ARG A 82 6.98 -14.80 -16.34
CA ARG A 82 6.65 -15.63 -17.48
C ARG A 82 5.23 -16.21 -17.42
N LEU A 83 4.55 -16.13 -16.27
CA LEU A 83 3.20 -16.67 -16.17
C LEU A 83 2.33 -16.13 -17.30
N ASN A 84 1.52 -17.00 -17.89
CA ASN A 84 0.75 -16.63 -19.07
C ASN A 84 -0.55 -15.96 -18.66
N ILE A 85 -0.46 -14.97 -17.78
CA ILE A 85 -1.63 -14.18 -17.42
C ILE A 85 -2.24 -13.46 -18.63
N PRO A 86 -1.47 -12.99 -19.62
CA PRO A 86 -2.09 -12.18 -20.67
C PRO A 86 -3.15 -12.88 -21.49
N VAL A 87 -3.08 -14.21 -21.63
CA VAL A 87 -4.07 -14.91 -22.43
C VAL A 87 -5.43 -14.99 -21.74
N LEU A 88 -5.47 -14.82 -20.41
CA LEU A 88 -6.70 -15.01 -19.66
C LEU A 88 -7.74 -13.92 -19.88
N GLN A 89 -7.37 -12.71 -20.26
CA GLN A 89 -8.38 -11.65 -20.36
C GLN A 89 -8.21 -10.83 -21.63
N ASP A 90 -9.31 -10.19 -22.02
CA ASP A 90 -9.28 -9.09 -22.98
C ASP A 90 -9.64 -7.78 -22.32
N ASP A 91 -10.76 -7.75 -21.62
CA ASP A 91 -11.14 -6.57 -20.86
C ASP A 91 -11.58 -7.05 -19.49
N GLY A 92 -10.91 -6.56 -18.44
CA GLY A 92 -11.34 -6.90 -17.10
C GLY A 92 -10.28 -6.59 -16.06
N PHE A 93 -10.51 -7.17 -14.88
CA PHE A 93 -9.82 -6.77 -13.67
C PHE A 93 -8.96 -7.91 -13.12
N LEU A 94 -7.78 -7.54 -12.63
CA LEU A 94 -6.84 -8.44 -12.00
C LEU A 94 -6.76 -8.08 -10.52
N PHE A 95 -6.74 -9.08 -9.66
CA PHE A 95 -6.58 -8.90 -8.22
C PHE A 95 -5.36 -9.71 -7.80
N LEU A 96 -4.41 -9.05 -7.13
CA LEU A 96 -3.04 -9.56 -7.01
C LEU A 96 -2.52 -9.32 -5.59
N TRP A 97 -2.46 -10.38 -4.80
CA TRP A 97 -2.01 -10.23 -3.41
C TRP A 97 -0.50 -10.07 -3.41
N VAL A 98 -0.04 -9.04 -2.71
CA VAL A 98 1.37 -8.71 -2.61
C VAL A 98 1.72 -8.55 -1.14
N THR A 99 3.02 -8.57 -0.87
CA THR A 99 3.57 -8.50 0.48
C THR A 99 5.07 -8.34 0.33
N GLY A 100 5.69 -7.68 1.31
CA GLY A 100 7.13 -7.50 1.24
C GLY A 100 7.53 -6.86 -0.07
N ARG A 101 8.55 -7.43 -0.71
CA ARG A 101 9.05 -6.85 -1.94
C ARG A 101 8.20 -7.20 -3.15
N ALA A 102 7.22 -8.09 -2.98
CA ALA A 102 6.29 -8.31 -4.07
C ALA A 102 5.42 -7.08 -4.30
N MET A 103 5.33 -6.19 -3.32
CA MET A 103 4.59 -4.95 -3.52
C MET A 103 5.14 -4.20 -4.74
N GLU A 104 6.47 -4.19 -4.90
CA GLU A 104 7.13 -3.64 -6.08
C GLU A 104 7.12 -4.62 -7.25
N LEU A 105 7.45 -5.89 -6.97
CA LEU A 105 7.54 -6.88 -8.05
C LEU A 105 6.18 -7.14 -8.69
N GLY A 106 5.15 -7.32 -7.88
CA GLY A 106 3.81 -7.46 -8.45
C GLY A 106 3.39 -6.27 -9.30
N ARG A 107 3.83 -5.06 -8.93
CA ARG A 107 3.62 -3.94 -9.82
C ARG A 107 4.34 -4.14 -11.15
N GLU A 108 5.51 -4.78 -11.12
CA GLU A 108 6.22 -5.12 -12.34
C GLU A 108 5.45 -6.16 -13.15
N CYS A 109 5.10 -7.29 -12.52
CA CYS A 109 4.34 -8.31 -13.23
C CYS A 109 3.01 -7.75 -13.70
N LEU A 110 2.37 -6.93 -12.87
CA LEU A 110 1.05 -6.44 -13.24
C LEU A 110 1.15 -5.58 -14.48
N ASN A 111 2.20 -4.78 -14.56
CA ASN A 111 2.44 -3.95 -15.73
C ASN A 111 2.86 -4.79 -16.93
N LEU A 112 3.78 -5.74 -16.73
CA LEU A 112 4.27 -6.53 -17.86
C LEU A 112 3.12 -7.28 -18.53
N TRP A 113 2.17 -7.77 -17.73
CA TRP A 113 1.07 -8.54 -18.24
C TRP A 113 0.04 -7.69 -18.97
N GLY A 114 0.24 -6.37 -19.02
CA GLY A 114 -0.63 -5.45 -19.73
C GLY A 114 -1.71 -4.80 -18.90
N TYR A 115 -1.61 -4.85 -17.58
CA TYR A 115 -2.58 -4.20 -16.70
C TYR A 115 -2.02 -2.88 -16.20
N GLU A 116 -2.91 -1.91 -16.02
CA GLU A 116 -2.63 -0.72 -15.24
C GLU A 116 -3.20 -0.90 -13.83
N ARG A 117 -2.39 -0.61 -12.82
CA ARG A 117 -2.92 -0.63 -11.47
C ARG A 117 -3.80 0.59 -11.27
N VAL A 118 -5.02 0.38 -10.81
CA VAL A 118 -5.94 1.51 -10.68
C VAL A 118 -6.59 1.55 -9.31
N ASP A 119 -6.41 0.50 -8.53
CA ASP A 119 -6.84 0.52 -7.14
C ASP A 119 -5.90 -0.37 -6.36
N GLU A 120 -6.13 -0.40 -5.05
CA GLU A 120 -5.32 -1.23 -4.16
C GLU A 120 -6.11 -1.42 -2.87
N ILE A 121 -6.63 -2.62 -2.69
CA ILE A 121 -7.33 -3.02 -1.46
C ILE A 121 -6.31 -3.40 -0.41
N ILE A 122 -6.61 -3.09 0.85
CA ILE A 122 -5.86 -3.61 1.98
C ILE A 122 -6.85 -4.30 2.92
N TRP A 123 -6.46 -5.45 3.43
CA TRP A 123 -7.28 -6.21 4.36
C TRP A 123 -6.73 -6.01 5.77
N VAL A 124 -7.54 -5.41 6.64
CA VAL A 124 -7.16 -5.23 8.04
C VAL A 124 -7.51 -6.50 8.80
N LYS A 125 -6.49 -7.14 9.39
CA LYS A 125 -6.63 -8.42 10.05
C LYS A 125 -7.04 -8.21 11.50
N THR A 126 -8.23 -8.71 11.87
CA THR A 126 -8.72 -8.68 13.24
C THR A 126 -8.81 -10.10 13.80
N ASN A 127 -9.33 -10.21 15.03
CA ASN A 127 -9.67 -11.48 15.66
C ASN A 127 -11.19 -11.62 15.71
N GLN A 128 -11.70 -12.28 16.75
CA GLN A 128 -13.14 -12.45 16.90
C GLN A 128 -13.78 -11.28 17.62
N LEU A 129 -12.99 -10.45 18.32
CA LEU A 129 -13.48 -9.30 19.06
C LEU A 129 -13.17 -7.96 18.37
N GLN A 130 -12.74 -7.98 17.10
CA GLN A 130 -12.63 -6.81 16.22
C GLN A 130 -11.47 -5.87 16.61
N ARG A 131 -10.41 -6.41 17.18
CA ARG A 131 -9.17 -5.68 17.42
C ARG A 131 -8.10 -6.20 16.46
N ILE A 132 -7.17 -5.32 16.05
CA ILE A 132 -6.20 -5.70 15.02
C ILE A 132 -5.21 -6.73 15.57
N ILE A 133 -4.76 -7.64 14.70
CA ILE A 133 -3.88 -8.73 15.09
C ILE A 133 -2.42 -8.27 15.21
N HIS A 140 10.14 -6.75 10.59
CA HIS A 140 10.68 -5.61 9.86
C HIS A 140 10.82 -4.40 10.78
N TRP A 141 10.35 -3.22 10.35
CA TRP A 141 10.41 -2.01 11.17
C TRP A 141 9.12 -1.77 11.93
N LEU A 142 7.98 -2.12 11.34
CA LEU A 142 6.68 -2.04 11.96
C LEU A 142 6.05 -3.43 11.98
N ASN A 143 5.12 -3.61 12.93
CA ASN A 143 4.27 -4.78 12.90
C ASN A 143 3.24 -4.61 11.78
N HIS A 144 2.96 -5.68 11.07
CA HIS A 144 2.07 -5.62 9.93
C HIS A 144 0.67 -5.97 10.39
N GLY A 145 -0.25 -5.04 10.21
CA GLY A 145 -1.65 -5.24 10.52
C GLY A 145 -2.53 -5.49 9.31
N LYS A 146 -1.95 -5.72 8.13
CA LYS A 146 -2.73 -5.72 6.91
C LYS A 146 -2.02 -6.54 5.85
N GLU A 147 -2.78 -6.85 4.81
CA GLU A 147 -2.28 -7.45 3.59
C GLU A 147 -2.81 -6.65 2.41
N HIS A 148 -2.01 -6.56 1.36
CA HIS A 148 -2.37 -5.72 0.24
C HIS A 148 -2.80 -6.56 -0.95
N CYS A 149 -3.71 -5.99 -1.75
CA CYS A 149 -4.19 -6.63 -2.96
C CYS A 149 -4.33 -5.58 -4.06
N LEU A 150 -3.33 -5.53 -4.95
CA LEU A 150 -3.34 -4.63 -6.09
C LEU A 150 -4.53 -4.93 -7.01
N VAL A 151 -5.15 -3.87 -7.54
CA VAL A 151 -6.21 -4.03 -8.53
C VAL A 151 -5.73 -3.46 -9.85
N GLY A 152 -5.52 -4.34 -10.82
CA GLY A 152 -5.18 -3.93 -12.16
C GLY A 152 -6.37 -4.04 -13.09
N VAL A 153 -6.39 -3.19 -14.10
CA VAL A 153 -7.41 -3.24 -15.13
C VAL A 153 -6.71 -3.54 -16.46
N LYS A 154 -7.45 -4.17 -17.40
CA LYS A 154 -6.94 -4.47 -18.74
C LYS A 154 -8.02 -4.18 -19.75
N GLY A 155 -7.61 -3.67 -20.91
CA GLY A 155 -8.59 -3.38 -21.95
C GLY A 155 -9.54 -2.29 -21.51
N ASN A 156 -10.80 -2.42 -21.95
CA ASN A 156 -11.85 -1.48 -21.60
C ASN A 156 -13.05 -2.30 -21.11
N PRO A 157 -13.10 -2.60 -19.83
CA PRO A 157 -14.28 -3.30 -19.30
C PRO A 157 -15.48 -2.37 -19.26
N GLN A 158 -16.66 -2.92 -19.53
CA GLN A 158 -17.89 -2.14 -19.52
C GLN A 158 -18.98 -2.92 -18.81
N GLY A 159 -19.87 -2.18 -18.16
CA GLY A 159 -20.95 -2.82 -17.44
C GLY A 159 -20.55 -3.35 -16.09
N PHE A 160 -19.52 -2.77 -15.50
CA PHE A 160 -19.07 -3.20 -14.20
C PHE A 160 -19.53 -2.17 -13.18
N ASN A 161 -19.89 -2.66 -12.00
CA ASN A 161 -20.44 -1.78 -10.96
C ASN A 161 -19.30 -1.20 -10.13
N GLN A 162 -18.56 -0.30 -10.77
CA GLN A 162 -17.48 0.39 -10.08
C GLN A 162 -18.04 1.23 -8.94
N GLY A 163 -17.29 1.28 -7.83
CA GLY A 163 -17.61 2.13 -6.69
C GLY A 163 -18.63 1.61 -5.69
N LEU A 164 -18.98 0.33 -5.72
CA LEU A 164 -19.92 -0.22 -4.75
C LEU A 164 -19.24 -0.57 -3.42
N ASP A 165 -18.05 -1.14 -3.47
CA ASP A 165 -17.32 -1.39 -2.24
C ASP A 165 -16.21 -0.36 -2.10
N CYS A 166 -15.62 -0.31 -0.91
CA CYS A 166 -14.48 0.54 -0.68
C CYS A 166 -13.22 -0.32 -0.48
N ASP A 167 -12.06 0.33 -0.56
CA ASP A 167 -10.80 -0.38 -0.72
C ASP A 167 -10.24 -0.95 0.60
N VAL A 168 -11.06 -1.05 1.65
CA VAL A 168 -10.61 -1.54 2.94
C VAL A 168 -11.48 -2.73 3.35
N ILE A 169 -10.84 -3.83 3.72
CA ILE A 169 -11.54 -5.00 4.24
C ILE A 169 -11.21 -5.16 5.72
N VAL A 170 -12.23 -5.47 6.52
CA VAL A 170 -12.06 -5.81 7.92
C VAL A 170 -12.73 -7.15 8.15
N ALA A 171 -11.94 -8.16 8.53
CA ALA A 171 -12.38 -9.54 8.51
C ALA A 171 -11.42 -10.36 9.36
N GLU A 172 -11.96 -11.40 9.99
CA GLU A 172 -11.16 -12.19 10.92
C GLU A 172 -10.18 -13.07 10.15
N VAL A 173 -8.96 -13.19 10.69
CA VAL A 173 -7.95 -14.12 10.18
C VAL A 173 -8.39 -15.55 10.49
N ARG A 174 -8.52 -16.38 9.45
CA ARG A 174 -8.80 -17.80 9.66
C ARG A 174 -7.49 -18.60 9.71
N SER A 175 -7.29 -19.48 8.74
CA SER A 175 -6.04 -20.23 8.67
C SER A 175 -4.91 -19.28 8.26
N THR A 176 -3.71 -19.84 8.13
CA THR A 176 -2.60 -19.05 7.63
C THR A 176 -2.65 -19.03 6.10
N SER A 177 -2.17 -17.93 5.53
CA SER A 177 -2.15 -17.73 4.08
C SER A 177 -3.55 -17.73 3.49
N HIS A 178 -4.53 -17.40 4.31
CA HIS A 178 -5.94 -17.62 4.02
C HIS A 178 -6.65 -16.29 3.71
N LYS A 179 -6.98 -16.07 2.45
CA LYS A 179 -7.65 -14.83 2.08
C LYS A 179 -9.10 -14.83 2.58
N PRO A 180 -9.64 -13.66 2.91
CA PRO A 180 -10.98 -13.59 3.49
C PRO A 180 -12.07 -13.70 2.44
N ASP A 181 -13.15 -14.42 2.79
CA ASP A 181 -14.23 -14.64 1.82
C ASP A 181 -14.82 -13.34 1.32
N GLU A 182 -14.68 -12.26 2.08
CA GLU A 182 -15.31 -11.00 1.73
C GLU A 182 -14.94 -10.55 0.31
N ILE A 183 -13.74 -10.90 -0.16
CA ILE A 183 -13.26 -10.46 -1.48
C ILE A 183 -14.07 -11.07 -2.62
N TYR A 184 -14.63 -12.27 -2.43
CA TYR A 184 -15.50 -12.84 -3.44
C TYR A 184 -16.80 -12.05 -3.54
N GLY A 185 -17.28 -11.49 -2.43
CA GLY A 185 -18.47 -10.67 -2.51
C GLY A 185 -18.23 -9.37 -3.25
N MET A 186 -17.10 -8.71 -2.95
CA MET A 186 -16.78 -7.47 -3.65
C MET A 186 -16.61 -7.73 -5.13
N ILE A 187 -15.95 -8.85 -5.48
CA ILE A 187 -15.75 -9.18 -6.89
C ILE A 187 -17.06 -9.56 -7.57
N GLU A 188 -17.96 -10.23 -6.84
CA GLU A 188 -19.28 -10.54 -7.38
C GLU A 188 -20.10 -9.28 -7.63
N ARG A 189 -20.18 -8.38 -6.65
CA ARG A 189 -20.90 -7.14 -6.87
C ARG A 189 -20.31 -6.36 -8.03
N LEU A 190 -18.97 -6.34 -8.14
CA LEU A 190 -18.34 -5.53 -9.16
C LEU A 190 -18.68 -6.04 -10.56
N SER A 191 -18.72 -7.36 -10.72
CA SER A 191 -18.93 -8.00 -12.02
C SER A 191 -19.75 -9.26 -11.81
N PRO A 192 -21.06 -9.10 -11.56
CA PRO A 192 -21.90 -10.27 -11.25
C PRO A 192 -22.17 -11.14 -12.46
N GLY A 193 -22.33 -12.43 -12.19
CA GLY A 193 -22.63 -13.43 -13.22
C GLY A 193 -21.50 -13.83 -14.15
N THR A 194 -20.37 -13.10 -14.17
CA THR A 194 -19.31 -13.24 -15.15
C THR A 194 -18.33 -14.34 -14.76
N ARG A 195 -17.56 -14.83 -15.74
CA ARG A 195 -16.56 -15.86 -15.47
C ARG A 195 -15.37 -15.26 -14.73
N LYS A 196 -14.98 -15.90 -13.63
CA LYS A 196 -13.81 -15.51 -12.89
C LYS A 196 -12.87 -16.70 -12.75
N ILE A 197 -11.57 -16.42 -12.65
CA ILE A 197 -10.55 -17.45 -12.49
C ILE A 197 -9.60 -17.04 -11.36
N GLU A 198 -9.26 -18.00 -10.51
CA GLU A 198 -8.33 -17.80 -9.41
C GLU A 198 -7.10 -18.66 -9.65
N LEU A 199 -5.92 -18.07 -9.44
CA LEU A 199 -4.65 -18.74 -9.56
C LEU A 199 -4.05 -18.94 -8.17
N PHE A 200 -3.55 -20.16 -7.92
CA PHE A 200 -2.96 -20.55 -6.63
C PHE A 200 -3.99 -20.54 -5.52
N GLY A 201 -5.24 -20.82 -5.87
CA GLY A 201 -6.24 -21.01 -4.86
C GLY A 201 -6.05 -22.31 -4.12
N ARG A 202 -6.67 -22.37 -2.96
CA ARG A 202 -6.72 -23.56 -2.15
C ARG A 202 -8.15 -24.10 -2.14
N PRO A 203 -8.38 -25.32 -1.65
CA PRO A 203 -9.72 -25.94 -1.88
C PRO A 203 -10.89 -25.19 -1.24
N HIS A 204 -10.70 -24.53 -0.09
CA HIS A 204 -11.78 -23.73 0.49
C HIS A 204 -12.20 -22.53 -0.35
N ASN A 205 -11.42 -22.16 -1.37
CA ASN A 205 -11.61 -21.03 -2.24
C ASN A 205 -12.59 -21.30 -3.38
N VAL A 206 -13.13 -22.51 -3.51
CA VAL A 206 -13.86 -22.84 -4.73
C VAL A 206 -15.28 -22.31 -4.59
N GLN A 207 -15.63 -21.38 -5.47
CA GLN A 207 -16.87 -20.62 -5.43
C GLN A 207 -17.65 -20.81 -6.72
N PRO A 208 -18.98 -20.70 -6.68
CA PRO A 208 -19.76 -20.58 -7.92
C PRO A 208 -19.16 -19.48 -8.79
N ASN A 209 -19.31 -19.66 -10.10
CA ASN A 209 -18.81 -18.76 -11.14
C ASN A 209 -17.29 -18.68 -11.23
N TRP A 210 -16.53 -19.46 -10.45
CA TRP A 210 -15.07 -19.42 -10.50
C TRP A 210 -14.47 -20.75 -11.00
N ILE A 211 -13.25 -20.66 -11.50
CA ILE A 211 -12.45 -21.85 -11.77
C ILE A 211 -11.17 -21.68 -10.95
N THR A 212 -10.93 -22.59 -10.00
CA THR A 212 -9.77 -22.46 -9.13
C THR A 212 -8.63 -23.32 -9.66
N LEU A 213 -7.45 -22.73 -9.81
CA LEU A 213 -6.25 -23.47 -10.15
C LEU A 213 -5.34 -23.48 -8.93
N GLY A 214 -4.84 -24.65 -8.59
CA GLY A 214 -3.96 -24.79 -7.45
C GLY A 214 -3.48 -26.22 -7.37
N ASN A 215 -2.36 -26.38 -6.69
CA ASN A 215 -1.68 -27.65 -6.61
C ASN A 215 -2.11 -28.49 -5.41
N GLN A 216 -3.04 -28.02 -4.59
CA GLN A 216 -3.60 -28.83 -3.51
C GLN A 216 -5.09 -29.13 -3.71
N LEU A 217 -5.65 -28.80 -4.86
CA LEU A 217 -7.01 -29.23 -5.15
C LEU A 217 -7.04 -30.73 -5.43
N ASP A 218 -8.25 -31.29 -5.42
CA ASP A 218 -8.44 -32.73 -5.58
C ASP A 218 -8.86 -32.96 -7.02
N GLY A 219 -7.86 -33.17 -7.88
CA GLY A 219 -8.07 -33.49 -9.28
C GLY A 219 -8.86 -32.44 -10.06
N ILE A 220 -9.33 -32.87 -11.22
CA ILE A 220 -10.00 -31.98 -12.18
C ILE A 220 -11.50 -32.14 -12.01
N HIS A 221 -12.23 -31.03 -12.03
CA HIS A 221 -13.69 -31.05 -11.96
C HIS A 221 -14.22 -29.89 -12.80
N LEU A 222 -14.73 -30.19 -13.99
CA LEU A 222 -15.05 -29.18 -14.98
C LEU A 222 -16.42 -29.42 -15.57
N LEU A 223 -17.19 -28.35 -15.74
CA LEU A 223 -18.60 -28.45 -16.11
C LEU A 223 -18.97 -27.60 -17.32
N ASP A 224 -18.27 -26.49 -17.52
CA ASP A 224 -18.46 -25.69 -18.73
C ASP A 224 -18.09 -26.56 -19.93
N PRO A 225 -19.02 -26.84 -20.84
CA PRO A 225 -18.69 -27.78 -21.93
C PRO A 225 -17.60 -27.27 -22.86
N ASP A 226 -17.61 -25.98 -23.23
CA ASP A 226 -16.51 -25.47 -24.05
C ASP A 226 -15.16 -25.72 -23.37
N VAL A 227 -15.09 -25.51 -22.06
CA VAL A 227 -13.86 -25.83 -21.33
C VAL A 227 -13.56 -27.32 -21.44
N VAL A 228 -14.56 -28.16 -21.11
CA VAL A 228 -14.39 -29.61 -21.17
C VAL A 228 -13.84 -30.02 -22.53
N ALA A 229 -14.44 -29.48 -23.60
CA ALA A 229 -13.99 -29.77 -24.96
C ALA A 229 -12.51 -29.46 -25.13
N ARG A 230 -12.13 -28.20 -24.92
CA ARG A 230 -10.73 -27.81 -25.11
C ARG A 230 -9.81 -28.60 -24.19
N PHE A 231 -10.26 -28.92 -22.97
CA PHE A 231 -9.42 -29.69 -22.05
C PHE A 231 -9.14 -31.08 -22.60
N LYS A 232 -10.19 -31.80 -23.00
CA LYS A 232 -10.01 -33.10 -23.64
C LYS A 232 -9.12 -32.98 -24.87
N GLN A 233 -9.33 -31.93 -25.70
CA GLN A 233 -8.52 -31.76 -26.91
C GLN A 233 -7.04 -31.57 -26.58
N ARG A 234 -6.72 -30.72 -25.59
CA ARG A 234 -5.32 -30.46 -25.27
C ARG A 234 -4.72 -31.50 -24.32
N TYR A 235 -5.53 -32.17 -23.49
CA TYR A 235 -5.03 -33.16 -22.53
C TYR A 235 -5.80 -34.47 -22.69
N PRO A 236 -5.64 -35.15 -23.83
CA PRO A 236 -6.47 -36.35 -24.09
C PRO A 236 -6.24 -37.48 -23.11
N ASP A 237 -5.03 -37.62 -22.58
CA ASP A 237 -4.73 -38.67 -21.62
C ASP A 237 -4.90 -38.21 -20.17
N GLY A 238 -5.35 -36.98 -19.96
CA GLY A 238 -5.73 -36.51 -18.65
C GLY A 238 -4.63 -35.92 -17.79
N ILE A 239 -3.36 -36.05 -18.18
CA ILE A 239 -2.26 -35.56 -17.37
C ILE A 239 -1.72 -34.28 -17.99
N ILE A 240 -1.18 -33.40 -17.14
CA ILE A 240 -0.71 -32.10 -17.58
C ILE A 240 0.80 -31.97 -17.35
N ASN B 12 -19.61 -11.84 10.58
CA ASN B 12 -20.27 -10.72 9.89
C ASN B 12 -19.40 -10.08 8.79
N ASP B 13 -20.07 -9.63 7.72
CA ASP B 13 -19.44 -9.14 6.49
C ASP B 13 -19.59 -7.61 6.44
N TYR B 14 -18.50 -6.91 6.73
CA TYR B 14 -18.57 -5.45 6.77
C TYR B 14 -18.52 -4.84 5.39
N CYS B 15 -18.11 -5.61 4.39
CA CYS B 15 -18.22 -5.11 3.02
C CYS B 15 -19.66 -5.07 2.59
N GLN B 16 -20.43 -6.10 2.93
CA GLN B 16 -21.86 -6.05 2.70
C GLN B 16 -22.49 -4.91 3.50
N HIS B 17 -22.18 -4.85 4.80
CA HIS B 17 -22.71 -3.79 5.64
C HIS B 17 -22.45 -2.41 5.06
N PHE B 18 -21.29 -2.21 4.41
CA PHE B 18 -21.02 -0.90 3.82
C PHE B 18 -21.87 -0.68 2.57
N VAL B 19 -22.03 -1.71 1.75
CA VAL B 19 -22.95 -1.60 0.61
C VAL B 19 -24.36 -1.29 1.10
N ASP B 20 -24.72 -1.80 2.28
CA ASP B 20 -26.05 -1.61 2.85
C ASP B 20 -26.22 -0.20 3.43
N THR B 21 -25.25 0.24 4.26
CA THR B 21 -25.46 1.37 5.16
C THR B 21 -24.54 2.56 4.95
N GLY B 22 -23.45 2.43 4.20
CA GLY B 22 -22.49 3.50 4.06
C GLY B 22 -21.42 3.56 5.12
N HIS B 23 -21.46 2.68 6.12
CA HIS B 23 -20.41 2.62 7.14
C HIS B 23 -19.22 1.83 6.61
N ARG B 24 -18.11 2.53 6.40
CA ARG B 24 -16.88 1.87 5.96
C ARG B 24 -16.49 0.77 6.95
N PRO B 25 -15.99 -0.37 6.46
CA PRO B 25 -15.58 -1.46 7.35
C PRO B 25 -14.69 -1.03 8.50
N GLN B 26 -13.85 -0.01 8.30
CA GLN B 26 -12.92 0.42 9.36
C GLN B 26 -13.64 1.04 10.54
N ASN B 27 -14.88 1.54 10.32
CA ASN B 27 -15.63 2.17 11.40
C ASN B 27 -15.77 1.26 12.62
N PHE B 28 -15.75 -0.06 12.39
CA PHE B 28 -16.04 -1.05 13.44
C PHE B 28 -14.78 -1.73 13.97
N ILE B 29 -13.59 -1.21 13.66
CA ILE B 29 -12.40 -1.64 14.37
C ILE B 29 -12.48 -1.10 15.80
N ARG B 30 -12.22 -1.96 16.76
CA ARG B 30 -12.28 -1.59 18.17
C ARG B 30 -10.91 -1.20 18.70
N ASP B 31 -10.90 -0.33 19.70
CA ASP B 31 -9.67 0.07 20.40
C ASP B 31 -8.66 0.75 19.46
N GLU B 46 3.29 5.25 31.88
CA GLU B 46 2.93 4.06 31.11
C GLU B 46 4.15 3.17 30.86
N LEU B 47 4.11 2.39 29.78
CA LEU B 47 5.24 1.54 29.41
C LEU B 47 6.14 2.20 28.38
N ILE B 48 5.57 2.72 27.29
CA ILE B 48 6.36 3.37 26.24
C ILE B 48 6.34 4.87 26.45
N ARG B 49 5.92 5.29 27.64
CA ARG B 49 5.74 6.72 27.89
C ARG B 49 7.06 7.40 28.24
N LEU B 50 8.03 6.68 28.79
CA LEU B 50 9.31 7.31 29.06
C LEU B 50 10.08 7.59 27.76
N LYS B 51 10.06 6.65 26.80
CA LYS B 51 10.61 6.93 25.48
C LYS B 51 10.02 8.19 24.87
N ASP B 52 8.81 8.59 25.28
CA ASP B 52 8.24 9.85 24.83
C ASP B 52 8.91 11.04 25.50
N GLU B 53 9.20 10.94 26.80
CA GLU B 53 9.96 11.98 27.48
C GLU B 53 11.38 12.07 26.93
N LEU B 54 11.96 10.93 26.53
CA LEU B 54 13.32 10.92 26.02
C LEU B 54 13.41 11.52 24.63
N ILE B 55 12.39 11.29 23.81
CA ILE B 55 12.29 12.04 22.56
C ILE B 55 12.19 13.53 22.84
N ALA B 56 11.29 13.89 23.76
CA ALA B 56 11.04 15.31 24.03
C ALA B 56 12.25 16.01 24.64
N LYS B 57 13.02 15.31 25.48
CA LYS B 57 14.23 15.93 26.02
C LYS B 57 15.28 16.10 24.93
N SER B 58 15.30 15.19 23.95
CA SER B 58 16.29 15.20 22.89
C SER B 58 15.94 16.21 21.78
N ASN B 59 14.65 16.50 21.59
CA ASN B 59 14.19 17.30 20.46
C ASN B 59 14.87 18.66 20.41
N THR B 60 15.37 19.01 19.23
CA THR B 60 15.91 20.34 18.99
C THR B 60 14.78 21.35 19.02
N PRO B 61 15.09 22.63 19.25
CA PRO B 61 14.09 23.69 19.04
C PRO B 61 13.44 23.55 17.69
N PRO B 62 12.14 23.81 17.58
CA PRO B 62 11.49 23.70 16.27
C PRO B 62 12.04 24.76 15.32
N MET B 63 12.25 24.38 14.08
CA MET B 63 12.81 25.33 13.13
C MET B 63 12.01 25.27 11.84
N TYR B 64 11.82 26.43 11.22
CA TYR B 64 10.87 26.54 10.12
C TYR B 64 11.40 27.58 9.17
N LEU B 65 11.12 27.38 7.89
CA LEU B 65 11.63 28.23 6.83
C LEU B 65 10.59 28.27 5.72
N GLN B 66 10.04 29.44 5.46
CA GLN B 66 9.18 29.58 4.30
C GLN B 66 10.01 29.60 3.02
N ALA B 67 9.64 28.76 2.06
CA ALA B 67 10.39 28.60 0.82
C ALA B 67 9.48 28.04 -0.25
N ASP B 68 9.69 28.49 -1.49
CA ASP B 68 8.88 28.04 -2.62
C ASP B 68 9.67 26.92 -3.29
N ILE B 69 9.35 25.68 -2.90
CA ILE B 69 10.31 24.58 -3.08
C ILE B 69 10.54 24.28 -4.55
N GLU B 70 9.57 24.60 -5.41
CA GLU B 70 9.77 24.48 -6.85
C GLU B 70 10.91 25.37 -7.33
N ALA B 71 11.01 26.58 -6.78
CA ALA B 71 11.95 27.61 -7.19
C ALA B 71 13.11 27.78 -6.22
N PHE B 72 13.33 26.80 -5.35
CA PHE B 72 14.25 26.93 -4.22
C PHE B 72 15.32 25.86 -4.38
N ASP B 73 16.59 26.28 -4.43
CA ASP B 73 17.67 25.31 -4.57
C ASP B 73 17.76 24.55 -3.25
N ILE B 74 17.45 23.26 -3.29
CA ILE B 74 17.28 22.50 -2.05
C ILE B 74 18.59 22.42 -1.27
N ARG B 75 19.73 22.44 -1.97
CA ARG B 75 21.00 22.19 -1.30
C ARG B 75 21.22 23.15 -0.13
N GLU B 76 20.69 24.38 -0.25
CA GLU B 76 20.71 25.38 0.83
C GLU B 76 20.29 24.83 2.18
N LEU B 77 19.59 23.70 2.22
CA LEU B 77 19.18 23.10 3.49
C LEU B 77 20.26 22.11 3.93
N THR B 78 20.97 22.45 4.97
CA THR B 78 22.05 21.63 5.50
C THR B 78 21.91 21.52 7.02
N PRO B 79 22.47 20.47 7.64
CA PRO B 79 23.27 19.40 7.04
C PRO B 79 22.41 18.35 6.36
N LYS B 80 22.98 17.24 5.89
CA LYS B 80 22.14 16.17 5.37
C LYS B 80 21.24 15.68 6.50
N PHE B 81 20.02 15.24 6.13
CA PHE B 81 18.99 14.88 7.09
C PHE B 81 18.96 13.39 7.37
N ASP B 82 18.69 13.04 8.62
CA ASP B 82 18.46 11.65 8.99
C ASP B 82 17.07 11.18 8.57
N VAL B 83 16.06 12.04 8.59
CA VAL B 83 14.69 11.66 8.24
C VAL B 83 14.09 12.77 7.41
N ILE B 84 13.46 12.43 6.29
CA ILE B 84 12.76 13.40 5.47
C ILE B 84 11.32 12.96 5.35
N LEU B 85 10.39 13.88 5.59
CA LEU B 85 8.95 13.64 5.60
C LEU B 85 8.38 14.52 4.49
N LEU B 86 7.95 13.89 3.43
CA LEU B 86 7.66 14.60 2.19
C LEU B 86 6.16 14.52 1.98
N GLU B 87 5.52 15.70 1.96
CA GLU B 87 4.06 15.80 2.03
C GLU B 87 3.59 16.79 0.96
N PRO B 88 3.88 16.51 -0.32
CA PRO B 88 3.58 17.47 -1.37
C PRO B 88 2.08 17.62 -1.55
N PRO B 89 1.61 18.79 -1.92
CA PRO B 89 0.17 19.03 -2.06
C PRO B 89 -0.39 18.49 -3.37
N LEU B 90 -0.99 17.30 -3.33
CA LEU B 90 -1.48 16.65 -4.52
C LEU B 90 -2.84 17.21 -4.90
N GLU B 91 -3.08 17.30 -6.22
CA GLU B 91 -4.39 17.73 -6.72
C GLU B 91 -5.50 16.81 -6.24
N GLU B 92 -5.20 15.52 -6.02
CA GLU B 92 -6.23 14.63 -5.51
C GLU B 92 -6.66 14.98 -4.10
N TYR B 93 -5.87 15.75 -3.33
CA TYR B 93 -6.33 16.17 -2.00
C TYR B 93 -7.46 17.19 -2.10
N TYR B 94 -7.37 18.08 -3.10
CA TYR B 94 -8.39 19.11 -3.31
C TYR B 94 -9.41 18.56 -4.30
N ARG B 95 -10.46 17.92 -3.77
CA ARG B 95 -11.57 17.41 -4.58
C ARG B 95 -12.54 18.53 -4.93
N LYS B 104 -1.65 26.29 -5.33
CA LYS B 104 -0.73 25.61 -6.25
C LYS B 104 -0.58 24.13 -5.90
N CYS B 105 -0.99 23.22 -6.80
CA CYS B 105 -0.85 21.78 -6.58
C CYS B 105 0.38 21.22 -7.28
N TRP B 106 0.98 20.20 -6.67
CA TRP B 106 2.12 19.50 -7.25
C TRP B 106 1.65 18.22 -7.96
N THR B 107 2.05 18.08 -9.22
CA THR B 107 1.94 16.80 -9.91
C THR B 107 3.08 15.89 -9.51
N TRP B 108 2.93 14.61 -9.84
CA TRP B 108 4.05 13.70 -9.63
C TRP B 108 5.19 14.00 -10.57
N ASP B 109 4.90 14.72 -11.66
CA ASP B 109 5.94 15.26 -12.53
C ASP B 109 6.83 16.21 -11.72
N ASP B 110 6.22 17.08 -10.91
CA ASP B 110 7.01 18.03 -10.14
C ASP B 110 7.75 17.35 -9.01
N ILE B 111 7.09 16.42 -8.31
CA ILE B 111 7.71 15.79 -7.13
C ILE B 111 8.97 15.04 -7.54
N MET B 112 8.86 14.20 -8.58
CA MET B 112 10.00 13.44 -9.05
C MET B 112 11.23 14.31 -9.31
N LYS B 113 11.05 15.52 -9.85
CA LYS B 113 12.21 16.35 -10.16
C LYS B 113 12.81 17.03 -8.95
N LEU B 114 12.32 16.76 -7.74
CA LEU B 114 13.00 17.29 -6.57
C LEU B 114 14.32 16.54 -6.38
N GLU B 115 15.36 17.27 -5.99
CA GLU B 115 16.69 16.68 -5.87
C GLU B 115 16.89 16.20 -4.44
N ILE B 116 15.99 15.33 -4.01
CA ILE B 116 15.97 14.86 -2.64
C ILE B 116 17.26 14.16 -2.27
N ASP B 117 17.84 13.41 -3.21
CA ASP B 117 19.08 12.68 -2.97
C ASP B 117 20.17 13.61 -2.45
N GLU B 118 20.14 14.90 -2.82
CA GLU B 118 21.22 15.81 -2.53
C GLU B 118 21.19 16.33 -1.09
N ILE B 119 20.11 16.12 -0.34
CA ILE B 119 20.07 16.62 1.03
C ILE B 119 19.85 15.52 2.04
N ALA B 120 19.90 14.26 1.62
CA ALA B 120 19.59 13.14 2.48
C ALA B 120 20.90 12.53 2.97
N ALA B 121 20.98 12.26 4.26
CA ALA B 121 22.19 11.69 4.82
C ALA B 121 22.44 10.32 4.19
N PRO B 122 23.73 9.86 4.20
CA PRO B 122 24.05 8.55 3.61
C PRO B 122 23.10 7.46 4.06
N ARG B 123 23.09 7.16 5.36
CA ARG B 123 22.02 6.35 5.95
C ARG B 123 20.95 7.31 6.44
N SER B 124 19.74 7.16 5.93
CA SER B 124 18.65 8.10 6.23
C SER B 124 17.34 7.48 5.77
N PHE B 125 16.26 8.11 6.16
CA PHE B 125 14.92 7.58 5.96
C PHE B 125 14.04 8.65 5.32
N ILE B 126 13.04 8.20 4.58
CA ILE B 126 12.06 9.09 3.98
C ILE B 126 10.67 8.53 4.25
N PHE B 127 9.72 9.42 4.52
CA PHE B 127 8.32 9.07 4.66
C PHE B 127 7.57 9.91 3.64
N LEU B 128 6.99 9.25 2.64
CA LEU B 128 6.42 9.97 1.50
C LEU B 128 4.92 9.73 1.48
N TRP B 129 4.15 10.80 1.65
CA TRP B 129 2.71 10.71 1.47
C TRP B 129 2.39 10.58 -0.02
N CYS B 130 1.57 9.60 -0.38
CA CYS B 130 1.37 9.27 -1.79
C CYS B 130 -0.08 9.33 -2.22
N GLY B 131 -1.00 9.54 -1.28
CA GLY B 131 -2.42 9.54 -1.60
C GLY B 131 -2.89 8.11 -1.81
N SER B 132 -3.74 7.94 -2.82
CA SER B 132 -4.32 6.65 -3.09
C SER B 132 -4.44 6.34 -4.57
N GLY B 133 -3.98 7.23 -5.45
CA GLY B 133 -4.10 6.98 -6.87
C GLY B 133 -2.79 6.58 -7.48
N GLU B 134 -2.45 7.20 -8.61
CA GLU B 134 -1.16 6.99 -9.27
C GLU B 134 0.02 7.11 -8.32
N GLY B 135 -0.06 7.98 -7.31
CA GLY B 135 1.03 8.12 -6.36
C GLY B 135 1.53 6.80 -5.76
N LEU B 136 0.64 5.83 -5.56
CA LEU B 136 1.11 4.57 -4.99
C LEU B 136 2.17 3.93 -5.88
N ASP B 137 2.22 4.31 -7.16
CA ASP B 137 3.23 3.84 -8.10
C ASP B 137 4.32 4.88 -8.31
N LEU B 138 3.91 6.11 -8.65
CA LEU B 138 4.87 7.18 -8.89
C LEU B 138 5.72 7.48 -7.67
N GLY B 139 5.14 7.37 -6.46
CA GLY B 139 5.92 7.54 -5.24
C GLY B 139 6.98 6.47 -5.07
N ARG B 140 6.73 5.28 -5.59
CA ARG B 140 7.77 4.25 -5.54
C ARG B 140 8.85 4.53 -6.57
N VAL B 141 8.49 5.10 -7.72
CA VAL B 141 9.50 5.51 -8.69
C VAL B 141 10.42 6.51 -8.04
N CYS B 142 9.84 7.50 -7.34
CA CYS B 142 10.63 8.53 -6.66
C CYS B 142 11.56 7.90 -5.62
N LEU B 143 11.02 7.01 -4.79
CA LEU B 143 11.83 6.38 -3.76
C LEU B 143 13.07 5.74 -4.37
N ARG B 144 12.88 5.00 -5.47
CA ARG B 144 14.00 4.43 -6.19
C ARG B 144 14.84 5.54 -6.84
N LYS B 145 14.18 6.59 -7.35
CA LYS B 145 14.97 7.60 -8.06
C LYS B 145 15.94 8.30 -7.12
N TRP B 146 15.50 8.59 -5.89
CA TRP B 146 16.39 9.19 -4.91
C TRP B 146 17.23 8.17 -4.19
N GLY B 147 17.04 6.89 -4.47
CA GLY B 147 17.93 5.86 -3.98
C GLY B 147 17.53 5.22 -2.69
N TYR B 148 16.24 5.17 -2.38
CA TYR B 148 15.74 4.46 -1.22
C TYR B 148 15.10 3.15 -1.65
N ARG B 149 15.17 2.16 -0.78
CA ARG B 149 14.34 0.97 -0.89
C ARG B 149 13.16 1.13 0.06
N ARG B 150 11.97 0.73 -0.40
CA ARG B 150 10.79 0.80 0.46
C ARG B 150 10.83 -0.33 1.47
N CYS B 151 10.79 -0.01 2.77
CA CYS B 151 10.68 -1.03 3.79
C CYS B 151 9.31 -1.10 4.48
N GLU B 152 8.45 -0.09 4.32
CA GLU B 152 7.18 -0.04 5.06
C GLU B 152 6.13 0.76 4.30
N ASP B 153 4.94 0.17 4.16
CA ASP B 153 3.81 0.84 3.55
C ASP B 153 2.78 1.11 4.64
N ILE B 154 2.78 2.35 5.16
CA ILE B 154 1.92 2.80 6.25
C ILE B 154 0.62 3.35 5.67
N CYS B 155 -0.51 2.74 6.04
CA CYS B 155 -1.83 3.17 5.57
C CYS B 155 -2.54 4.01 6.62
N TRP B 156 -3.02 5.18 6.20
CA TRP B 156 -3.96 5.96 6.98
C TRP B 156 -5.36 5.57 6.51
N ILE B 157 -6.10 4.87 7.37
CA ILE B 157 -7.45 4.41 7.06
C ILE B 157 -8.46 5.36 7.69
N LYS B 158 -9.26 6.01 6.86
CA LYS B 158 -10.17 7.06 7.31
C LYS B 158 -11.55 6.48 7.54
N THR B 159 -12.02 6.52 8.79
CA THR B 159 -13.39 6.15 9.10
C THR B 159 -14.36 7.27 8.76
N ASN B 160 -15.62 6.89 8.50
CA ASN B 160 -16.68 7.86 8.25
C ASN B 160 -17.85 7.67 9.22
N LYS B 161 -17.53 7.62 10.53
CA LYS B 161 -18.52 7.34 11.55
C LYS B 161 -19.51 8.48 11.68
N ASN B 162 -19.12 9.70 11.29
CA ASN B 162 -19.96 10.89 11.39
C ASN B 162 -20.55 11.32 10.06
N ASN B 163 -20.55 10.47 9.06
CA ASN B 163 -21.19 10.81 7.79
C ASN B 163 -21.29 9.59 6.90
N PRO B 164 -22.01 8.53 7.30
CA PRO B 164 -22.40 7.54 6.32
C PRO B 164 -23.16 8.14 5.14
N LYS B 168 -18.99 9.09 -1.61
CA LYS B 168 -17.83 9.86 -2.09
C LYS B 168 -17.79 9.94 -3.62
N THR B 169 -17.16 10.98 -4.16
CA THR B 169 -16.99 11.08 -5.61
C THR B 169 -15.73 10.33 -6.03
N LEU B 170 -15.83 9.61 -7.15
CA LEU B 170 -14.81 8.65 -7.55
C LEU B 170 -13.89 9.23 -8.61
N ASP B 171 -12.66 8.73 -8.63
CA ASP B 171 -11.74 8.93 -9.75
C ASP B 171 -12.18 8.03 -10.91
N PRO B 172 -12.15 8.54 -12.14
CA PRO B 172 -12.52 7.72 -13.32
C PRO B 172 -11.97 6.31 -13.31
N LYS B 173 -10.64 6.15 -13.10
CA LYS B 173 -10.03 4.83 -13.09
C LYS B 173 -10.41 4.01 -11.85
N ALA B 174 -10.82 4.68 -10.77
CA ALA B 174 -11.15 4.00 -9.53
C ALA B 174 -12.15 2.88 -9.75
N VAL B 175 -11.92 1.78 -9.05
CA VAL B 175 -12.79 0.62 -9.07
C VAL B 175 -13.58 0.48 -7.78
N PHE B 176 -13.03 0.93 -6.67
CA PHE B 176 -13.69 0.91 -5.39
C PHE B 176 -13.64 2.32 -4.85
N GLN B 177 -14.40 2.55 -3.77
CA GLN B 177 -14.32 3.84 -3.09
C GLN B 177 -13.04 3.89 -2.30
N ARG B 178 -12.31 4.99 -2.45
CA ARG B 178 -10.99 5.09 -1.86
C ARG B 178 -11.11 5.75 -0.50
N THR B 179 -10.71 5.03 0.55
CA THR B 179 -10.98 5.42 1.93
C THR B 179 -9.70 5.43 2.77
N LYS B 180 -8.56 5.63 2.13
CA LYS B 180 -7.29 5.58 2.84
C LYS B 180 -6.26 6.35 2.02
N GLU B 181 -5.15 6.68 2.66
CA GLU B 181 -3.97 7.22 2.01
C GLU B 181 -2.76 6.40 2.43
N HIS B 182 -1.73 6.41 1.59
CA HIS B 182 -0.52 5.64 1.87
C HIS B 182 0.67 6.56 2.13
N CYS B 183 1.41 6.28 3.19
CA CYS B 183 2.66 6.97 3.47
C CYS B 183 3.76 5.94 3.37
N LEU B 184 4.60 6.05 2.34
CA LEU B 184 5.65 5.08 2.06
C LEU B 184 6.92 5.45 2.79
N MET B 185 7.59 4.44 3.34
CA MET B 185 8.79 4.63 4.12
C MET B 185 9.98 3.97 3.43
N GLY B 186 11.03 4.74 3.21
CA GLY B 186 12.18 4.30 2.47
C GLY B 186 13.43 4.46 3.30
N ILE B 187 14.36 3.53 3.14
CA ILE B 187 15.64 3.52 3.81
C ILE B 187 16.71 3.54 2.72
N LYS B 188 17.82 4.23 3.01
CA LYS B 188 19.03 4.11 2.19
C LYS B 188 20.21 3.92 3.11
N GLY B 189 21.07 2.97 2.78
CA GLY B 189 22.21 2.67 3.61
C GLY B 189 21.98 1.40 4.40
N THR B 190 22.89 1.17 5.34
CA THR B 190 22.81 0.00 6.22
C THR B 190 21.71 0.15 7.29
N VAL B 204 7.02 -1.82 18.27
CA VAL B 204 5.94 -1.26 19.09
C VAL B 204 4.73 -0.83 18.24
N ASP B 205 5.00 -0.30 17.03
CA ASP B 205 3.98 0.35 16.21
C ASP B 205 3.56 -0.52 15.02
N ILE B 206 2.30 -0.36 14.63
CA ILE B 206 1.71 -1.06 13.50
C ILE B 206 1.84 -0.16 12.27
N ASP B 207 1.56 -0.71 11.08
CA ASP B 207 1.63 0.10 9.86
C ASP B 207 0.26 0.65 9.47
N LEU B 208 -0.56 1.03 10.47
CA LEU B 208 -1.90 1.58 10.28
C LEU B 208 -2.08 2.82 11.13
N ILE B 209 -2.79 3.81 10.59
CA ILE B 209 -3.30 4.93 11.38
C ILE B 209 -4.79 5.03 11.07
N ILE B 210 -5.63 4.86 12.07
CA ILE B 210 -7.07 4.95 11.91
C ILE B 210 -7.57 6.25 12.57
N THR B 211 -8.12 7.14 11.74
CA THR B 211 -8.78 8.36 12.19
C THR B 211 -10.01 8.61 11.30
N GLU B 212 -10.82 9.58 11.71
CA GLU B 212 -12.01 9.93 10.94
C GLU B 212 -11.64 10.87 9.80
N GLU B 213 -12.18 10.57 8.63
CA GLU B 213 -12.01 11.43 7.46
C GLU B 213 -12.15 12.90 7.82
N PRO B 214 -11.14 13.72 7.56
CA PRO B 214 -11.25 15.15 7.86
C PRO B 214 -12.34 15.81 7.03
N GLU B 215 -12.71 17.04 7.46
CA GLU B 215 -13.61 17.90 6.70
C GLU B 215 -13.13 18.03 5.26
N ILE B 216 -14.08 18.09 4.32
CA ILE B 216 -13.69 18.25 2.93
C ILE B 216 -12.87 19.53 2.84
N GLY B 217 -11.75 19.47 2.11
CA GLY B 217 -10.86 20.60 2.00
C GLY B 217 -9.84 20.72 3.10
N ASN B 218 -9.97 19.99 4.21
CA ASN B 218 -8.88 19.85 5.16
C ASN B 218 -7.87 18.86 4.56
N ILE B 219 -6.62 19.29 4.46
CA ILE B 219 -5.59 18.53 3.78
C ILE B 219 -4.56 17.96 4.76
N GLU B 220 -4.78 18.16 6.06
CA GLU B 220 -3.82 17.74 7.07
C GLU B 220 -3.73 16.22 7.12
N LYS B 221 -2.51 15.73 7.35
CA LYS B 221 -2.33 14.30 7.61
C LYS B 221 -2.28 14.05 9.11
N PRO B 222 -2.60 12.83 9.54
CA PRO B 222 -2.65 12.57 10.99
C PRO B 222 -1.30 12.75 11.64
N VAL B 223 -1.27 13.57 12.69
CA VAL B 223 -0.09 13.76 13.54
C VAL B 223 0.56 12.44 13.98
N GLU B 224 -0.22 11.36 14.05
CA GLU B 224 0.30 10.06 14.46
C GLU B 224 1.52 9.64 13.66
N ILE B 225 1.59 10.03 12.37
CA ILE B 225 2.77 9.81 11.55
C ILE B 225 4.01 10.31 12.26
N PHE B 226 3.89 11.41 12.99
CA PHE B 226 5.07 11.95 13.66
C PHE B 226 5.49 11.07 14.82
N HIS B 227 4.52 10.49 15.53
CA HIS B 227 4.86 9.58 16.62
C HIS B 227 5.53 8.33 16.09
N ILE B 228 4.94 7.72 15.06
CA ILE B 228 5.54 6.57 14.43
C ILE B 228 6.97 6.87 14.00
N ILE B 229 7.18 8.00 13.32
CA ILE B 229 8.52 8.34 12.89
C ILE B 229 9.43 8.54 14.08
N GLU B 230 9.01 9.35 15.06
CA GLU B 230 9.86 9.67 16.20
C GLU B 230 10.18 8.44 17.05
N HIS B 231 9.22 7.53 17.21
CA HIS B 231 9.47 6.30 17.96
C HIS B 231 10.45 5.37 17.27
N PHE B 232 10.83 5.65 16.03
CA PHE B 232 11.81 4.83 15.35
C PHE B 232 13.25 5.14 15.79
N CYS B 233 13.49 6.33 16.34
CA CYS B 233 14.80 6.74 16.83
C CYS B 233 15.84 6.68 15.71
N LEU B 234 15.59 7.48 14.66
CA LEU B 234 16.36 7.44 13.42
C LEU B 234 17.38 8.56 13.29
N GLY B 235 17.59 9.35 14.33
CA GLY B 235 18.40 10.55 14.25
C GLY B 235 17.59 11.81 14.53
N ARG B 236 18.31 12.91 14.68
CA ARG B 236 17.68 14.15 15.06
C ARG B 236 17.57 15.16 13.94
N ARG B 237 18.34 15.02 12.87
CA ARG B 237 18.17 15.88 11.71
CA ARG B 237 18.18 15.89 11.71
C ARG B 237 16.94 15.41 10.96
N ARG B 238 15.80 16.05 11.27
CA ARG B 238 14.48 15.68 10.74
C ARG B 238 13.89 16.84 9.93
N LEU B 239 13.53 16.57 8.67
CA LEU B 239 13.08 17.59 7.73
C LEU B 239 11.67 17.26 7.27
N HIS B 240 10.78 18.25 7.32
CA HIS B 240 9.40 18.08 6.89
C HIS B 240 9.18 18.98 5.68
N LEU B 241 9.22 18.40 4.50
CA LEU B 241 9.04 19.20 3.30
C LEU B 241 7.56 19.37 3.01
N PHE B 242 7.15 20.64 2.85
CA PHE B 242 5.78 21.08 2.57
C PHE B 242 4.94 21.05 3.83
N GLY B 243 5.56 21.25 4.99
CA GLY B 243 4.80 21.53 6.19
C GLY B 243 4.01 22.84 6.08
N ARG B 244 3.20 23.06 7.11
CA ARG B 244 2.47 24.29 7.28
C ARG B 244 2.80 24.84 8.65
N ASP B 245 2.40 26.09 8.89
CA ASP B 245 2.41 26.63 10.26
C ASP B 245 1.88 25.59 11.25
N SER B 246 0.76 24.94 10.88
CA SER B 246 0.08 24.00 11.76
C SER B 246 0.83 22.68 11.94
N THR B 247 1.96 22.46 11.26
CA THR B 247 2.69 21.22 11.42
C THR B 247 4.04 21.41 12.07
N ILE B 248 4.38 22.63 12.47
CA ILE B 248 5.67 22.87 13.09
C ILE B 248 5.71 22.17 14.45
N ARG B 249 6.89 21.69 14.82
CA ARG B 249 6.92 20.70 15.87
C ARG B 249 8.34 20.63 16.42
N PRO B 250 8.52 20.49 17.74
CA PRO B 250 9.88 20.34 18.27
C PRO B 250 10.61 19.20 17.60
N GLY B 251 11.92 19.34 17.46
CA GLY B 251 12.68 18.29 16.80
C GLY B 251 12.45 18.16 15.31
N TRP B 252 11.98 19.21 14.66
CA TRP B 252 11.77 19.16 13.23
C TRP B 252 12.15 20.49 12.62
N LEU B 253 12.60 20.42 11.37
CA LEU B 253 12.73 21.57 10.49
C LEU B 253 11.61 21.46 9.46
N THR B 254 10.71 22.44 9.45
CA THR B 254 9.66 22.55 8.46
C THR B 254 10.09 23.50 7.35
N VAL B 255 9.81 23.12 6.09
CA VAL B 255 10.08 23.98 4.94
C VAL B 255 8.89 23.92 4.01
N GLY B 256 8.29 25.07 3.73
CA GLY B 256 7.12 25.07 2.91
C GLY B 256 6.71 26.45 2.42
N PRO B 257 5.94 26.47 1.34
CA PRO B 257 5.56 27.75 0.75
C PRO B 257 4.56 28.54 1.58
N THR B 258 3.69 27.89 2.36
CA THR B 258 2.66 28.62 3.09
C THR B 258 3.08 29.08 4.46
N LEU B 259 4.33 28.81 4.88
CA LEU B 259 4.77 29.26 6.20
C LEU B 259 4.72 30.77 6.29
N THR B 260 4.14 31.30 7.35
CA THR B 260 4.08 32.76 7.46
C THR B 260 5.31 33.35 8.12
N ASN B 261 6.04 32.58 8.93
CA ASN B 261 7.26 33.04 9.56
C ASN B 261 8.40 32.05 9.33
N SER B 262 9.61 32.56 9.35
CA SER B 262 10.79 31.71 9.24
C SER B 262 11.74 32.06 10.36
N ASN B 263 12.56 31.10 10.71
CA ASN B 263 13.60 31.29 11.70
C ASN B 263 14.84 30.48 11.35
N TYR B 264 14.83 29.77 10.22
CA TYR B 264 15.94 28.91 9.83
C TYR B 264 17.23 29.69 9.76
N ASN B 265 18.30 29.07 10.26
CA ASN B 265 19.65 29.54 10.03
C ASN B 265 20.53 28.30 9.99
N ALA B 266 21.12 28.04 8.82
CA ALA B 266 21.87 26.80 8.62
C ALA B 266 22.94 26.65 9.68
N GLU B 267 23.62 27.75 10.02
CA GLU B 267 24.68 27.65 11.03
C GLU B 267 24.09 27.34 12.41
N THR B 268 23.04 28.06 12.81
CA THR B 268 22.37 27.74 14.07
C THR B 268 21.86 26.31 14.06
N TYR B 269 21.32 25.86 12.92
CA TYR B 269 20.78 24.51 12.84
C TYR B 269 21.87 23.45 13.00
N ALA B 270 23.01 23.62 12.32
CA ALA B 270 24.02 22.56 12.42
C ALA B 270 24.68 22.52 13.80
N SER B 271 24.50 23.57 14.60
CA SER B 271 25.04 23.60 15.95
C SER B 271 24.28 22.67 16.91
N TYR B 272 23.01 22.36 16.65
CA TYR B 272 22.32 21.39 17.50
C TYR B 272 22.90 20.00 17.37
N PHE B 273 23.70 19.76 16.33
CA PHE B 273 24.24 18.45 16.02
C PHE B 273 25.76 18.41 15.99
N SER B 274 26.43 19.53 16.28
CA SER B 274 27.87 19.49 16.42
C SER B 274 28.24 18.72 17.69
N ALA B 275 29.46 18.16 17.71
CA ALA B 275 29.87 17.21 18.74
C ALA B 275 29.61 17.78 20.12
N PRO B 276 29.25 16.94 21.12
CA PRO B 276 29.16 15.48 21.08
C PRO B 276 27.77 14.90 20.71
N ASN B 277 26.98 15.58 19.88
CA ASN B 277 25.60 15.21 19.64
C ASN B 277 25.34 14.69 18.23
N SER B 278 26.39 14.50 17.42
CA SER B 278 26.18 14.28 16.00
C SER B 278 25.44 12.98 15.71
N TYR B 279 25.64 11.96 16.56
CA TYR B 279 25.20 10.61 16.25
C TYR B 279 24.06 10.14 17.14
N LEU B 280 23.49 11.01 17.98
CA LEU B 280 22.37 10.64 18.83
C LEU B 280 21.23 10.00 18.04
N THR B 281 20.40 9.21 18.71
CA THR B 281 19.24 8.65 18.06
C THR B 281 18.02 9.53 18.18
N GLY B 282 18.01 10.45 19.14
CA GLY B 282 16.79 11.12 19.49
C GLY B 282 15.96 10.40 20.53
N CYS B 283 16.41 9.22 20.96
CA CYS B 283 15.76 8.42 22.00
C CYS B 283 16.68 8.13 23.17
N THR B 284 17.70 8.97 23.40
CA THR B 284 18.59 8.79 24.53
C THR B 284 18.65 10.10 25.31
N GLU B 285 19.30 10.07 26.47
CA GLU B 285 19.45 11.27 27.28
C GLU B 285 20.51 12.19 26.64
N GLU B 286 20.30 13.50 26.78
CA GLU B 286 21.31 14.42 26.28
C GLU B 286 22.63 14.22 27.02
N ILE B 287 23.75 14.56 26.37
CA ILE B 287 25.08 14.37 26.94
C ILE B 287 25.47 15.62 27.71
N GLU B 288 25.95 15.45 28.94
CA GLU B 288 26.21 16.55 29.88
C GLU B 288 27.38 17.45 29.49
C10 UEE C . 0.50 -15.06 0.86
C13 UEE C . -2.18 -14.29 1.42
C15 UEE C . -4.02 -13.30 1.91
C17 UEE C . -0.96 -13.61 1.14
C21 UEE C . -1.28 -23.29 -1.83
C22 UEE C . -2.17 -23.81 -2.84
C24 UEE C . 0.50 -22.84 -3.42
C26 UEE C . 0.16 -23.53 -5.93
C28 UEE C . -0.09 -24.26 -8.37
C02 UEE C . 0.10 -23.59 -2.13
C03 UEE C . 1.02 -23.18 -0.90
C05 UEE C . 1.63 -20.76 -1.07
C06 UEE C . 1.37 -19.32 -0.64
C07 UEE C . 1.23 -18.18 -1.64
C08 UEE C . 0.95 -16.76 -1.15
C09 UEE C . 0.81 -16.47 0.34
C12 UEE C . -1.55 -15.50 1.03
C14 UEE C . -3.42 -13.88 0.63
C16 UEE C . -2.94 -14.03 2.72
C18 UEE C . 0.95 -17.60 1.34
C19 UEE C . 1.21 -19.03 0.86
C23 UEE C . -1.87 -23.25 -4.25
C30 UEE C . 2.20 -23.67 -7.49
C32 UEE C . 4.36 -23.44 -6.39
C33 UEE C . 5.46 -24.49 -6.26
C34 UEE C . 5.15 -25.87 -5.68
C35 UEE C . 6.26 -26.91 -5.54
C36 UEE C . 7.68 -26.58 -5.97
C37 UEE C . 8.00 -25.19 -6.54
C38 UEE C . 6.88 -24.16 -6.69
C39 UEE C . 1.62 -23.38 -6.16
N04 UEE C . 0.80 -21.81 -0.50
N11 UEE C . -0.47 -14.76 0.45
N25 UEE C . -0.38 -23.23 -4.61
N27 UEE C . -0.67 -23.96 -7.03
N29 UEE C . 1.37 -24.10 -8.59
N31 UEE C . 3.62 -23.52 -7.64
O01 UEE C . 0.29 -24.96 -2.28
O20 UEE C . 2.46 -21.05 -1.87
C ACT D . 11.48 0.13 -3.92
O ACT D . 11.96 -0.46 -2.88
OXT ACT D . 11.52 -0.23 -5.12
CH3 ACT D . 10.73 1.53 -3.70
#